data_4BE2
#
_entry.id   4BE2
#
_cell.length_a   159.420
_cell.length_b   159.420
_cell.length_c   123.680
_cell.angle_alpha   90.00
_cell.angle_beta   90.00
_cell.angle_gamma   90.00
#
_symmetry.space_group_name_H-M   'P 41 21 2'
#
loop_
_entity.id
_entity.type
_entity.pdbx_description
1 polymer 'PFV INTEGRASE'
2 polymer '19 NUCLEOTIDE PREPROCESSED PFV DONOR DNA (NON-TRANSFERRED STRAND)'
3 polymer "17 NUCLEOTIDE PREPROCESSED PFV DONOR DNA (TRANSFERRED STRAND) *AP*CP*A)-3'"
4 non-polymer 'ZINC ION'
5 non-polymer 'SULFATE ION'
6 non-polymer GLYCEROL
7 non-polymer 'MAGNESIUM ION'
8 non-polymer 2-(3-chloro-4-fluorobenzyl)-6,7-dihydroxy-N,N-dimethyl-1-oxo-2,3-dihydro-1H-isoindole-4-sulfonamide
9 water water
#
loop_
_entity_poly.entity_id
_entity_poly.type
_entity_poly.pdbx_seq_one_letter_code
_entity_poly.pdbx_strand_id
1 'polypeptide(L)'
;GPGCNTKKPNLDAELDQLLQGHYIKGYPKQYTYFLEDGKVKVSRPEGVKIIPPQSDRQKIVLQAHNLAHTGREATLLKIA
NLYWWPNMRKDVVKQLGRCQQCLITNASNKASGPILRPDRPQKPFDKFFIDYIGPLPPSQGYLYVLVVVDGMTGFTWLYP
TKAPSTSATVKSLNVLTSIAIPKVIHSDQGAAFTSSTFAEWAKERGIHLEFSTPYHPQSSGKVERKNSDIKRLLTKLLVG
RPTKWYDLLPVVQLALNNTYSPVLKYTPHQLLFGIDSNTPFANQDTLDLTREEELSLLQEIRTSLYHPSTPPASSRSWSP
VVGQLVQERVARPASLRPRWHKPSTVLKVLNPRTVVILDHLGNNRTVSIDNLKPTSHQNGTTNDTATMDHLEKNE
;
A,B
2 'polydeoxyribonucleotide' (DA)(DT)(DT)(DG)(DT)(DC)(DA)(DT)(DG)(DG)(DA)(DA)(DT)(DT)(DT)(DC)(DG)(DC)(DA) C
3 'polydeoxyribonucleotide' (DT)(DG)(DC)(DG)(DA)(DA)(DA)(DT)(DT)(DC)(DC)(DA)(DT)(DG)(DA)(DC)(DA) D
#
# COMPACT_ATOMS: atom_id res chain seq x y z
N LEU A 11 -7.87 -43.20 43.52
CA LEU A 11 -7.56 -44.65 43.30
C LEU A 11 -8.47 -45.57 44.14
N ASP A 12 -7.86 -46.52 44.86
CA ASP A 12 -8.57 -47.56 45.62
C ASP A 12 -9.42 -47.06 46.80
N ALA A 13 -8.92 -46.05 47.51
CA ALA A 13 -9.62 -45.49 48.66
C ALA A 13 -11.06 -45.12 48.31
N GLU A 14 -11.19 -44.17 47.39
CA GLU A 14 -12.48 -43.71 46.86
C GLU A 14 -13.39 -44.87 46.49
N LEU A 15 -12.87 -45.78 45.66
CA LEU A 15 -13.66 -46.89 45.14
C LEU A 15 -14.01 -47.94 46.20
N ASP A 16 -13.17 -48.02 47.24
CA ASP A 16 -13.43 -48.94 48.35
C ASP A 16 -14.68 -48.48 49.09
N GLN A 17 -14.66 -47.22 49.57
CA GLN A 17 -15.80 -46.61 50.29
C GLN A 17 -17.10 -46.76 49.53
N LEU A 18 -16.96 -46.80 48.21
CA LEU A 18 -18.09 -46.85 47.31
C LEU A 18 -18.75 -48.22 47.36
N LEU A 19 -17.93 -49.27 47.33
CA LEU A 19 -18.44 -50.64 47.29
C LEU A 19 -19.24 -50.99 48.55
N GLN A 20 -18.79 -50.47 49.70
CA GLN A 20 -19.49 -50.65 50.96
C GLN A 20 -20.62 -49.64 51.17
N GLY A 21 -21.10 -49.07 50.06
CA GLY A 21 -22.31 -48.26 50.03
C GLY A 21 -22.28 -46.86 50.63
N HIS A 22 -21.11 -46.33 50.97
CA HIS A 22 -21.00 -44.94 51.45
C HIS A 22 -20.91 -43.94 50.32
N TYR A 23 -21.59 -42.80 50.46
CA TYR A 23 -21.71 -41.81 49.38
C TYR A 23 -20.44 -40.98 49.13
N ILE A 24 -19.89 -41.05 47.91
CA ILE A 24 -18.80 -40.16 47.49
C ILE A 24 -19.32 -39.10 46.51
N LYS A 25 -18.99 -37.84 46.75
CA LYS A 25 -19.44 -36.75 45.89
C LYS A 25 -19.02 -37.03 44.44
N GLY A 26 -19.97 -36.87 43.52
CA GLY A 26 -19.72 -37.14 42.11
C GLY A 26 -20.32 -38.45 41.63
N TYR A 27 -20.41 -39.42 42.53
CA TYR A 27 -21.01 -40.71 42.23
C TYR A 27 -22.44 -40.70 42.74
N PRO A 28 -23.42 -40.63 41.82
CA PRO A 28 -24.84 -40.57 42.23
C PRO A 28 -25.22 -41.76 43.10
N LYS A 29 -25.93 -41.50 44.22
CA LYS A 29 -26.25 -42.55 45.21
C LYS A 29 -27.26 -43.58 44.73
N GLN A 30 -28.12 -43.19 43.80
CA GLN A 30 -29.19 -44.05 43.32
C GLN A 30 -28.74 -45.24 42.45
N TYR A 31 -27.45 -45.34 42.14
CA TYR A 31 -26.94 -46.43 41.30
C TYR A 31 -26.24 -47.52 42.10
N THR A 32 -26.30 -48.76 41.61
CA THR A 32 -25.65 -49.86 42.33
C THR A 32 -24.22 -50.13 41.82
N TYR A 33 -23.25 -49.76 42.66
CA TYR A 33 -21.83 -49.97 42.42
C TYR A 33 -21.33 -51.32 42.97
N PHE A 34 -20.87 -52.21 42.10
CA PHE A 34 -20.39 -53.51 42.55
C PHE A 34 -18.96 -53.88 42.16
N LEU A 35 -18.51 -55.06 42.60
CA LEU A 35 -17.25 -55.65 42.17
C LEU A 35 -17.52 -56.85 41.26
N GLU A 36 -16.62 -57.10 40.31
CA GLU A 36 -16.74 -58.21 39.36
C GLU A 36 -15.45 -58.26 38.56
N ASP A 37 -14.95 -59.48 38.36
CA ASP A 37 -13.72 -59.72 37.59
C ASP A 37 -12.55 -58.85 38.05
N GLY A 38 -12.58 -58.45 39.32
CA GLY A 38 -11.52 -57.62 39.90
C GLY A 38 -11.70 -56.13 39.67
N LYS A 39 -12.81 -55.72 39.04
CA LYS A 39 -13.03 -54.30 38.73
C LYS A 39 -14.32 -53.74 39.34
N VAL A 40 -14.24 -52.50 39.83
CA VAL A 40 -15.46 -51.79 40.22
C VAL A 40 -16.35 -51.48 39.00
N LYS A 41 -17.64 -51.77 39.12
CA LYS A 41 -18.57 -51.57 38.01
C LYS A 41 -19.81 -50.87 38.47
N VAL A 42 -20.62 -50.43 37.51
CA VAL A 42 -21.83 -49.69 37.79
C VAL A 42 -22.85 -50.01 36.71
N SER A 43 -24.08 -50.20 37.15
CA SER A 43 -25.15 -50.47 36.22
C SER A 43 -25.82 -49.13 35.89
N ARG A 44 -25.54 -48.64 34.68
CA ARG A 44 -26.04 -47.35 34.22
C ARG A 44 -27.05 -47.57 33.11
N PRO A 45 -27.95 -46.59 32.89
CA PRO A 45 -29.00 -46.75 31.89
C PRO A 45 -28.53 -47.39 30.58
N GLU A 46 -27.38 -46.97 30.05
CA GLU A 46 -26.90 -47.46 28.74
C GLU A 46 -26.24 -48.82 28.84
N GLY A 47 -26.02 -49.29 30.07
CA GLY A 47 -25.39 -50.59 30.31
C GLY A 47 -24.44 -50.56 31.48
N VAL A 48 -23.72 -51.67 31.64
CA VAL A 48 -22.77 -51.84 32.75
C VAL A 48 -21.44 -51.27 32.31
N LYS A 49 -20.82 -50.43 33.13
CA LYS A 49 -19.54 -49.84 32.77
C LYS A 49 -18.52 -50.06 33.85
N ILE A 50 -17.26 -50.01 33.48
CA ILE A 50 -16.22 -50.12 34.47
C ILE A 50 -15.89 -48.74 35.02
N ILE A 51 -15.74 -48.64 36.34
CA ILE A 51 -15.26 -47.42 36.92
C ILE A 51 -13.81 -47.63 37.24
N PRO A 52 -12.92 -47.05 36.42
CA PRO A 52 -11.53 -47.20 36.76
C PRO A 52 -11.17 -46.33 37.97
N PRO A 53 -10.11 -46.71 38.70
CA PRO A 53 -9.52 -45.84 39.72
C PRO A 53 -9.03 -44.53 39.11
N GLN A 54 -9.18 -43.45 39.87
CA GLN A 54 -8.75 -42.12 39.48
C GLN A 54 -7.36 -42.13 38.83
N SER A 55 -6.45 -42.93 39.40
CA SER A 55 -5.05 -42.95 38.97
C SER A 55 -4.87 -43.61 37.60
N ASP A 56 -5.95 -44.15 37.06
CA ASP A 56 -5.89 -44.85 35.78
C ASP A 56 -6.46 -44.00 34.65
N ARG A 57 -7.23 -42.99 35.01
CA ARG A 57 -8.08 -42.26 34.08
C ARG A 57 -7.32 -41.47 33.02
N GLN A 58 -6.26 -40.79 33.41
CA GLN A 58 -5.49 -40.04 32.44
C GLN A 58 -4.99 -40.99 31.34
N LYS A 59 -4.50 -42.17 31.72
CA LYS A 59 -3.98 -43.12 30.73
C LYS A 59 -5.08 -43.51 29.75
N ILE A 60 -6.27 -43.80 30.29
CA ILE A 60 -7.42 -44.18 29.48
C ILE A 60 -7.83 -43.08 28.50
N VAL A 61 -7.90 -41.85 28.98
CA VAL A 61 -8.31 -40.74 28.15
C VAL A 61 -7.30 -40.59 26.99
N LEU A 62 -6.03 -40.67 27.34
CA LEU A 62 -4.96 -40.59 26.39
C LEU A 62 -4.98 -41.72 25.35
N GLN A 63 -5.29 -42.94 25.75
CA GLN A 63 -5.34 -44.03 24.78
C GLN A 63 -6.49 -43.81 23.81
N ALA A 64 -7.65 -43.44 24.36
CA ALA A 64 -8.81 -43.21 23.54
C ALA A 64 -8.53 -42.03 22.57
N HIS A 65 -8.01 -40.93 23.10
CA HIS A 65 -7.71 -39.79 22.26
C HIS A 65 -6.74 -40.13 21.16
N ASN A 66 -5.72 -40.91 21.48
CA ASN A 66 -4.63 -41.17 20.54
C ASN A 66 -4.95 -42.09 19.38
N LEU A 67 -6.07 -42.80 19.46
CA LEU A 67 -6.46 -43.69 18.36
C LEU A 67 -6.52 -42.92 17.07
N ALA A 68 -7.20 -41.77 17.07
CA ALA A 68 -7.23 -40.94 15.86
C ALA A 68 -7.12 -39.43 16.16
N HIS A 69 -6.66 -39.11 17.36
CA HIS A 69 -6.50 -37.70 17.80
C HIS A 69 -7.80 -36.95 17.64
N THR A 70 -8.83 -37.52 18.25
CA THR A 70 -10.19 -37.04 18.16
C THR A 70 -10.47 -35.89 19.16
N GLY A 71 -11.49 -35.09 18.88
CA GLY A 71 -11.88 -34.00 19.74
C GLY A 71 -12.74 -34.50 20.89
N ARG A 72 -13.54 -33.61 21.46
CA ARG A 72 -14.20 -33.91 22.72
C ARG A 72 -15.17 -35.08 22.61
N GLU A 73 -16.25 -34.90 21.84
CA GLU A 73 -17.26 -35.95 21.67
C GLU A 73 -16.73 -37.28 21.10
N ALA A 74 -15.93 -37.24 20.04
CA ALA A 74 -15.50 -38.49 19.43
C ALA A 74 -14.57 -39.28 20.38
N THR A 75 -13.84 -38.56 21.21
CA THR A 75 -12.99 -39.19 22.22
C THR A 75 -13.88 -39.75 23.34
N LEU A 76 -14.81 -38.93 23.84
CA LEU A 76 -15.71 -39.39 24.87
C LEU A 76 -16.46 -40.66 24.43
N LEU A 77 -17.00 -40.65 23.22
CA LEU A 77 -17.75 -41.80 22.74
C LEU A 77 -16.96 -43.11 22.79
N LYS A 78 -15.64 -43.04 22.56
CA LYS A 78 -14.83 -44.24 22.66
C LYS A 78 -14.76 -44.68 24.12
N ILE A 79 -14.32 -43.79 24.99
CA ILE A 79 -14.26 -44.09 26.40
C ILE A 79 -15.58 -44.67 26.95
N ALA A 80 -16.70 -43.98 26.68
CA ALA A 80 -18.00 -44.40 27.21
C ALA A 80 -18.42 -45.82 26.80
N ASN A 81 -17.77 -46.38 25.78
CA ASN A 81 -18.02 -47.76 25.42
C ASN A 81 -17.71 -48.76 26.56
N LEU A 82 -16.66 -48.48 27.33
CA LEU A 82 -16.18 -49.35 28.39
C LEU A 82 -16.29 -48.74 29.78
N TYR A 83 -16.13 -47.42 29.87
CA TYR A 83 -16.05 -46.78 31.18
C TYR A 83 -17.11 -45.77 31.50
N TRP A 84 -17.30 -45.58 32.81
CA TRP A 84 -18.02 -44.43 33.35
C TRP A 84 -17.24 -43.95 34.54
N TRP A 85 -17.12 -42.63 34.66
CA TRP A 85 -16.72 -41.99 35.91
C TRP A 85 -17.25 -40.57 35.96
N PRO A 86 -17.09 -39.85 37.09
CA PRO A 86 -17.74 -38.53 37.14
C PRO A 86 -17.02 -37.54 36.26
N ASN A 87 -17.80 -36.73 35.54
CA ASN A 87 -17.27 -35.61 34.76
C ASN A 87 -16.18 -36.04 33.77
N MET A 88 -16.48 -37.05 32.96
CA MET A 88 -15.51 -37.55 32.01
C MET A 88 -15.01 -36.48 31.02
N ARG A 89 -15.93 -35.65 30.53
CA ARG A 89 -15.55 -34.66 29.55
C ARG A 89 -14.50 -33.72 30.10
N LYS A 90 -14.53 -33.48 31.41
CA LYS A 90 -13.53 -32.57 31.99
C LYS A 90 -12.16 -33.17 31.86
N ASP A 91 -12.07 -34.48 32.01
CA ASP A 91 -10.79 -35.14 31.80
C ASP A 91 -10.40 -35.20 30.32
N VAL A 92 -11.38 -35.35 29.43
CA VAL A 92 -11.09 -35.39 28.02
C VAL A 92 -10.51 -34.02 27.61
N VAL A 93 -11.18 -32.95 28.04
CA VAL A 93 -10.80 -31.60 27.64
C VAL A 93 -9.41 -31.25 28.16
N LYS A 94 -9.10 -31.75 29.34
CA LYS A 94 -7.80 -31.54 29.94
C LYS A 94 -6.72 -32.10 29.04
N GLN A 95 -6.95 -33.30 28.52
CA GLN A 95 -6.00 -33.92 27.61
C GLN A 95 -5.99 -33.24 26.22
N LEU A 96 -7.18 -32.86 25.72
CA LEU A 96 -7.24 -32.10 24.46
C LEU A 96 -6.33 -30.86 24.56
N GLY A 97 -6.42 -30.15 25.69
CA GLY A 97 -5.62 -28.96 25.93
C GLY A 97 -4.13 -29.17 26.06
N ARG A 98 -3.70 -30.42 26.18
CA ARG A 98 -2.28 -30.76 26.33
C ARG A 98 -1.74 -31.55 25.14
N CYS A 99 -2.61 -31.93 24.21
CA CYS A 99 -2.08 -32.62 23.03
C CYS A 99 -1.46 -31.61 22.02
N GLN A 100 -0.13 -31.56 22.03
CA GLN A 100 0.61 -30.62 21.21
C GLN A 100 0.18 -30.79 19.77
N GLN A 101 0.20 -32.05 19.33
CA GLN A 101 -0.15 -32.43 17.96
C GLN A 101 -1.53 -31.97 17.54
N CYS A 102 -2.53 -32.16 18.38
CA CYS A 102 -3.83 -31.57 18.08
C CYS A 102 -3.80 -30.04 18.03
N LEU A 103 -3.08 -29.41 18.96
CA LEU A 103 -3.18 -27.95 19.09
C LEU A 103 -2.65 -27.24 17.86
N ILE A 104 -1.60 -27.80 17.28
CA ILE A 104 -0.95 -27.17 16.18
C ILE A 104 -1.46 -27.62 14.82
N THR A 105 -2.16 -28.76 14.77
CA THR A 105 -2.70 -29.28 13.50
C THR A 105 -4.18 -28.96 13.24
N ASN A 106 -5.03 -29.02 14.26
CA ASN A 106 -6.44 -28.72 14.04
C ASN A 106 -6.71 -27.31 13.52
N ALA A 107 -7.85 -27.16 12.86
CA ALA A 107 -8.28 -25.87 12.33
C ALA A 107 -8.97 -25.16 13.47
N SER A 108 -9.19 -23.87 13.30
CA SER A 108 -9.97 -23.09 14.24
C SER A 108 -11.43 -23.21 13.84
N ASN A 109 -12.33 -23.04 14.78
CA ASN A 109 -13.69 -22.88 14.39
C ASN A 109 -14.26 -21.54 14.88
N LYS A 110 -13.39 -20.58 15.14
CA LYS A 110 -13.86 -19.23 15.49
C LYS A 110 -13.40 -18.21 14.42
N ALA A 111 -14.31 -17.40 13.93
CA ALA A 111 -13.94 -16.41 12.94
C ALA A 111 -13.24 -15.21 13.61
N SER A 112 -12.40 -14.48 12.85
CA SER A 112 -11.84 -13.20 13.32
C SER A 112 -12.94 -12.17 13.54
N GLY A 113 -12.68 -11.21 14.42
CA GLY A 113 -13.66 -10.13 14.66
C GLY A 113 -13.74 -9.26 13.41
N PRO A 114 -14.81 -8.46 13.30
CA PRO A 114 -15.12 -7.67 12.09
C PRO A 114 -13.99 -6.71 11.69
N ILE A 115 -13.76 -6.55 10.38
CA ILE A 115 -12.65 -5.68 9.91
C ILE A 115 -12.79 -4.21 10.38
N LEU A 116 -11.65 -3.56 10.60
CA LEU A 116 -11.59 -2.11 10.76
C LEU A 116 -11.66 -1.41 9.40
N ARG A 117 -12.28 -0.23 9.36
CA ARG A 117 -12.20 0.63 8.19
C ARG A 117 -11.41 1.89 8.53
N PRO A 118 -10.09 1.87 8.42
CA PRO A 118 -9.30 3.03 8.88
C PRO A 118 -9.73 4.29 8.15
N ASP A 119 -9.60 5.44 8.79
CA ASP A 119 -9.99 6.71 8.16
C ASP A 119 -9.24 6.98 6.86
N ARG A 120 -9.92 7.50 5.86
CA ARG A 120 -9.24 7.96 4.68
C ARG A 120 -8.21 9.01 5.11
N PRO A 121 -6.96 8.89 4.65
CA PRO A 121 -5.97 9.93 4.89
C PRO A 121 -6.54 11.30 4.57
N GLN A 122 -6.20 12.30 5.36
CA GLN A 122 -6.89 13.57 5.21
C GLN A 122 -6.52 14.30 3.93
N LYS A 123 -5.26 14.21 3.51
CA LYS A 123 -4.79 14.97 2.37
C LYS A 123 -4.06 14.09 1.33
N PRO A 124 -4.07 14.52 0.05
CA PRO A 124 -3.18 13.89 -0.91
C PRO A 124 -1.78 13.97 -0.35
N PHE A 125 -0.98 12.93 -0.54
CA PHE A 125 0.41 12.88 -0.12
C PHE A 125 0.62 12.63 1.37
N ASP A 126 -0.45 12.57 2.15
CA ASP A 126 -0.35 12.05 3.53
C ASP A 126 0.14 10.62 3.56
N LYS A 127 -0.45 9.74 2.74
CA LYS A 127 -0.08 8.33 2.78
C LYS A 127 -0.16 7.66 1.40
N PHE A 128 0.96 7.10 0.97
CA PHE A 128 1.04 6.27 -0.23
C PHE A 128 0.94 4.82 0.16
N PHE A 129 0.27 4.01 -0.67
CA PHE A 129 0.29 2.53 -0.58
C PHE A 129 0.95 2.02 -1.82
N ILE A 130 1.95 1.16 -1.64
CA ILE A 130 2.70 0.65 -2.77
C ILE A 130 2.80 -0.86 -2.73
N ASP A 131 2.94 -1.45 -3.91
CA ASP A 131 2.93 -2.89 -4.03
C ASP A 131 3.41 -3.29 -5.40
N TYR A 132 3.79 -4.55 -5.55
CA TYR A 132 4.15 -5.09 -6.86
C TYR A 132 3.08 -6.00 -7.38
N ILE A 133 2.85 -5.90 -8.68
CA ILE A 133 2.09 -6.87 -9.45
C ILE A 133 3.09 -7.62 -10.32
N GLY A 134 2.93 -8.94 -10.45
CA GLY A 134 3.75 -9.77 -11.36
C GLY A 134 4.26 -11.03 -10.67
N PRO A 135 4.97 -11.89 -11.39
CA PRO A 135 5.50 -11.68 -12.75
C PRO A 135 4.39 -11.75 -13.79
N LEU A 136 4.52 -10.94 -14.83
CA LEU A 136 3.59 -10.88 -15.95
C LEU A 136 4.31 -11.45 -17.19
N PRO A 137 3.57 -11.75 -18.28
CA PRO A 137 4.27 -12.19 -19.48
C PRO A 137 5.30 -11.13 -19.88
N PRO A 138 6.52 -11.54 -20.25
CA PRO A 138 7.53 -10.54 -20.62
C PRO A 138 7.01 -9.55 -21.67
N SER A 139 7.25 -8.26 -21.44
CA SER A 139 6.86 -7.21 -22.37
C SER A 139 8.01 -6.22 -22.37
N GLN A 140 8.71 -6.12 -23.50
CA GLN A 140 9.95 -5.32 -23.62
C GLN A 140 10.98 -5.64 -22.54
N GLY A 141 10.97 -6.87 -22.05
CA GLY A 141 11.95 -7.25 -21.05
C GLY A 141 11.49 -6.93 -19.64
N TYR A 142 10.30 -6.34 -19.52
CA TYR A 142 9.72 -6.03 -18.19
C TYR A 142 8.77 -7.12 -17.69
N LEU A 143 8.73 -7.31 -16.38
CA LEU A 143 7.98 -8.42 -15.81
C LEU A 143 7.07 -8.00 -14.69
N TYR A 144 7.30 -6.82 -14.12
CA TYR A 144 6.50 -6.36 -12.98
C TYR A 144 6.00 -4.92 -13.12
N VAL A 145 5.01 -4.56 -12.29
CA VAL A 145 4.58 -3.20 -12.18
C VAL A 145 4.66 -2.80 -10.72
N LEU A 146 5.39 -1.71 -10.44
CA LEU A 146 5.25 -1.00 -9.16
C LEU A 146 3.94 -0.19 -9.22
N VAL A 147 3.08 -0.36 -8.24
CA VAL A 147 1.85 0.40 -8.22
C VAL A 147 1.89 1.29 -7.00
N VAL A 148 1.66 2.58 -7.22
CA VAL A 148 1.69 3.55 -6.13
C VAL A 148 0.35 4.24 -6.09
N VAL A 149 -0.33 4.13 -4.97
CA VAL A 149 -1.65 4.67 -4.84
C VAL A 149 -1.70 5.66 -3.70
N ASP A 150 -2.08 6.89 -4.03
CA ASP A 150 -2.31 7.88 -3.02
C ASP A 150 -3.57 7.56 -2.22
N GLY A 151 -3.42 7.50 -0.89
CA GLY A 151 -4.49 7.07 -0.01
C GLY A 151 -5.72 7.93 -0.02
N MET A 152 -5.53 9.24 0.03
CA MET A 152 -6.70 10.13 0.08
C MET A 152 -7.45 10.11 -1.23
N THR A 153 -6.72 10.20 -2.34
CA THR A 153 -7.34 10.47 -3.62
C THR A 153 -7.65 9.19 -4.41
N GLY A 154 -6.84 8.16 -4.24
CA GLY A 154 -6.92 6.99 -5.11
C GLY A 154 -6.04 7.18 -6.33
N PHE A 155 -5.43 8.36 -6.49
CA PHE A 155 -4.60 8.61 -7.69
C PHE A 155 -3.44 7.62 -7.69
N THR A 156 -3.12 7.09 -8.86
CA THR A 156 -2.24 5.93 -8.98
C THR A 156 -1.17 6.18 -10.01
N TRP A 157 0.05 5.76 -9.70
CA TRP A 157 1.18 5.84 -10.63
C TRP A 157 1.64 4.45 -10.93
N LEU A 158 1.97 4.19 -12.19
CA LEU A 158 2.42 2.84 -12.58
C LEU A 158 3.84 2.86 -13.13
N TYR A 159 4.70 1.96 -12.68
CA TYR A 159 6.04 1.81 -13.21
C TYR A 159 6.38 0.37 -13.59
N PRO A 160 6.72 0.12 -14.86
CA PRO A 160 7.21 -1.19 -15.27
C PRO A 160 8.59 -1.44 -14.69
N THR A 161 8.83 -2.65 -14.18
CA THR A 161 10.17 -3.00 -13.72
C THR A 161 10.58 -4.41 -14.16
N LYS A 162 11.86 -4.72 -14.02
CA LYS A 162 12.39 -6.01 -14.43
C LYS A 162 12.36 -7.02 -13.28
N ALA A 163 12.28 -6.50 -12.06
CA ALA A 163 12.25 -7.31 -10.86
C ALA A 163 11.53 -6.50 -9.78
N PRO A 164 11.02 -7.16 -8.72
CA PRO A 164 10.42 -6.42 -7.62
C PRO A 164 11.50 -6.06 -6.61
N SER A 165 12.50 -5.32 -7.08
CA SER A 165 13.69 -4.98 -6.29
C SER A 165 13.60 -3.62 -5.59
N THR A 166 14.38 -3.47 -4.53
CA THR A 166 14.61 -2.18 -3.91
C THR A 166 15.07 -1.17 -4.95
N SER A 167 16.05 -1.57 -5.77
CA SER A 167 16.68 -0.66 -6.68
C SER A 167 15.68 -0.09 -7.69
N ALA A 168 14.76 -0.92 -8.18
CA ALA A 168 13.75 -0.43 -9.15
C ALA A 168 12.66 0.39 -8.45
N THR A 169 12.40 0.06 -7.18
CA THR A 169 11.48 0.87 -6.39
C THR A 169 12.03 2.28 -6.20
N VAL A 170 13.29 2.34 -5.77
CA VAL A 170 13.97 3.64 -5.55
C VAL A 170 13.96 4.50 -6.82
N LYS A 171 14.33 3.89 -7.95
CA LYS A 171 14.34 4.60 -9.21
C LYS A 171 12.95 5.17 -9.51
N SER A 172 11.90 4.36 -9.32
CA SER A 172 10.57 4.80 -9.70
C SER A 172 10.10 5.91 -8.78
N LEU A 173 10.33 5.74 -7.49
CA LEU A 173 9.94 6.73 -6.50
C LEU A 173 10.75 8.06 -6.60
N ASN A 174 12.00 7.99 -7.04
CA ASN A 174 12.74 9.21 -7.34
C ASN A 174 12.02 9.98 -8.44
N VAL A 175 11.50 9.27 -9.43
CA VAL A 175 10.68 9.93 -10.44
C VAL A 175 9.38 10.46 -9.86
N LEU A 176 8.68 9.65 -9.07
CA LEU A 176 7.39 10.09 -8.55
C LEU A 176 7.53 11.28 -7.60
N THR A 177 8.50 11.20 -6.68
CA THR A 177 8.65 12.23 -5.66
C THR A 177 9.21 13.54 -6.20
N SER A 178 9.51 13.59 -7.50
CA SER A 178 9.72 14.86 -8.19
C SER A 178 8.52 15.76 -8.08
N ILE A 179 7.33 15.17 -7.97
CA ILE A 179 6.09 15.92 -7.91
C ILE A 179 5.83 16.39 -6.47
N ALA A 180 5.96 15.48 -5.51
CA ALA A 180 5.69 15.75 -4.10
C ALA A 180 6.18 14.59 -3.24
N ILE A 181 6.48 14.90 -1.98
CA ILE A 181 6.99 13.93 -1.04
C ILE A 181 5.83 13.58 -0.11
N PRO A 182 5.60 12.27 0.12
CA PRO A 182 4.47 11.88 0.97
C PRO A 182 4.92 11.83 2.42
N LYS A 183 4.03 12.03 3.38
CA LYS A 183 4.46 11.86 4.79
C LYS A 183 4.83 10.41 5.04
N VAL A 184 3.96 9.49 4.60
CA VAL A 184 4.07 8.06 4.91
C VAL A 184 3.94 7.21 3.64
N ILE A 185 4.77 6.18 3.54
CA ILE A 185 4.62 5.17 2.54
C ILE A 185 4.30 3.84 3.24
N HIS A 186 3.10 3.30 2.95
CA HIS A 186 2.69 2.01 3.49
C HIS A 186 2.93 0.94 2.48
N SER A 187 3.57 -0.13 2.92
CA SER A 187 3.76 -1.28 2.04
C SER A 187 3.65 -2.59 2.82
N ASP A 188 3.55 -3.70 2.11
CA ASP A 188 3.64 -5.01 2.75
C ASP A 188 5.11 -5.30 2.99
N GLN A 189 5.41 -6.53 3.41
CA GLN A 189 6.77 -6.90 3.74
C GLN A 189 7.55 -7.57 2.63
N GLY A 190 7.16 -7.30 1.38
CA GLY A 190 8.00 -7.68 0.24
C GLY A 190 9.48 -7.33 0.47
N ALA A 191 10.38 -8.12 -0.10
CA ALA A 191 11.83 -7.91 0.06
C ALA A 191 12.24 -6.48 -0.40
N ALA A 192 11.70 -6.04 -1.53
CA ALA A 192 11.92 -4.67 -2.03
C ALA A 192 11.78 -3.54 -1.00
N PHE A 193 10.89 -3.72 -0.05
CA PHE A 193 10.44 -2.64 0.78
C PHE A 193 11.02 -2.70 2.19
N THR A 194 11.60 -3.84 2.53
CA THR A 194 12.00 -4.10 3.91
C THR A 194 13.52 -4.04 4.01
N SER A 195 14.22 -3.87 2.89
CA SER A 195 15.67 -3.76 2.87
C SER A 195 16.16 -2.48 3.59
N SER A 196 17.41 -2.50 4.04
CA SER A 196 17.97 -1.34 4.73
C SER A 196 18.22 -0.20 3.71
N THR A 197 18.52 -0.56 2.45
CA THR A 197 18.64 0.44 1.39
C THR A 197 17.37 1.25 1.20
N PHE A 198 16.21 0.60 1.31
CA PHE A 198 14.97 1.34 1.11
C PHE A 198 14.68 2.18 2.34
N ALA A 199 15.03 1.66 3.51
CA ALA A 199 14.84 2.37 4.79
C ALA A 199 15.64 3.70 4.79
N GLU A 200 16.87 3.63 4.27
CA GLU A 200 17.77 4.78 4.16
C GLU A 200 17.23 5.77 3.16
N TRP A 201 16.77 5.23 2.03
CA TRP A 201 16.22 6.07 0.96
C TRP A 201 15.09 6.92 1.51
N ALA A 202 14.26 6.36 2.38
CA ALA A 202 13.11 7.08 2.95
C ALA A 202 13.48 8.04 4.10
N LYS A 203 14.44 7.63 4.92
CA LYS A 203 14.91 8.47 6.02
C LYS A 203 15.56 9.73 5.45
N GLU A 204 16.44 9.55 4.43
CA GLU A 204 17.00 10.64 3.67
C GLU A 204 15.95 11.66 3.26
N ARG A 205 14.68 11.26 3.13
CA ARG A 205 13.67 12.19 2.60
C ARG A 205 12.60 12.59 3.58
N GLY A 206 12.72 12.20 4.83
CA GLY A 206 11.70 12.54 5.80
C GLY A 206 10.43 11.73 5.68
N ILE A 207 10.46 10.65 4.89
CA ILE A 207 9.28 9.77 4.67
C ILE A 207 9.24 8.68 5.73
N HIS A 208 8.14 8.53 6.44
CA HIS A 208 7.97 7.39 7.36
C HIS A 208 7.53 6.09 6.65
N LEU A 209 8.27 5.00 6.83
CA LEU A 209 7.80 3.68 6.32
C LEU A 209 6.90 2.95 7.33
N GLU A 210 5.75 2.50 6.83
CA GLU A 210 4.75 1.83 7.62
C GLU A 210 4.55 0.46 6.96
N PHE A 211 4.70 -0.61 7.71
CA PHE A 211 4.58 -1.96 7.14
C PHE A 211 3.33 -2.71 7.59
N SER A 212 2.74 -3.43 6.65
CA SER A 212 1.61 -4.32 6.95
C SER A 212 2.09 -5.40 7.88
N THR A 213 1.20 -5.90 8.75
CA THR A 213 1.44 -7.19 9.41
C THR A 213 1.80 -8.24 8.36
N PRO A 214 2.54 -9.29 8.77
CA PRO A 214 3.02 -10.21 7.72
C PRO A 214 1.87 -11.06 7.12
N TYR A 215 2.01 -11.44 5.86
CA TYR A 215 1.04 -12.31 5.19
C TYR A 215 -0.41 -11.86 5.34
N HIS A 216 -0.68 -10.58 5.11
CA HIS A 216 -2.01 -10.01 5.30
C HIS A 216 -2.28 -8.89 4.30
N PRO A 217 -2.42 -9.25 3.01
CA PRO A 217 -2.55 -8.24 1.96
C PRO A 217 -3.74 -7.29 2.14
N GLN A 218 -4.76 -7.70 2.88
CA GLN A 218 -5.87 -6.78 3.15
C GLN A 218 -5.38 -5.44 3.76
N SER A 219 -4.25 -5.49 4.47
CA SER A 219 -3.68 -4.30 5.12
C SER A 219 -3.21 -3.28 4.10
N SER A 220 -2.64 -3.76 2.97
CA SER A 220 -2.44 -2.92 1.81
C SER A 220 -3.68 -2.84 0.88
N GLY A 221 -4.88 -3.09 1.41
CA GLY A 221 -6.13 -3.12 0.61
C GLY A 221 -6.36 -1.98 -0.39
N LYS A 222 -5.96 -0.75 -0.01
CA LYS A 222 -6.05 0.40 -0.91
C LYS A 222 -5.37 0.15 -2.24
N VAL A 223 -4.13 -0.34 -2.21
CA VAL A 223 -3.40 -0.57 -3.47
C VAL A 223 -3.76 -1.93 -4.11
N GLU A 224 -3.97 -2.97 -3.26
CA GLU A 224 -4.38 -4.28 -3.78
C GLU A 224 -5.64 -4.11 -4.63
N ARG A 225 -6.55 -3.26 -4.16
CA ARG A 225 -7.82 -3.12 -4.85
C ARG A 225 -7.59 -2.43 -6.17
N LYS A 226 -6.58 -1.56 -6.23
CA LYS A 226 -6.27 -0.88 -7.49
C LYS A 226 -5.59 -1.86 -8.45
N ASN A 227 -4.81 -2.79 -7.89
CA ASN A 227 -4.16 -3.84 -8.69
C ASN A 227 -5.20 -4.62 -9.48
N SER A 228 -6.32 -4.94 -8.82
CA SER A 228 -7.42 -5.58 -9.49
C SER A 228 -7.88 -4.75 -10.70
N ASP A 229 -8.15 -3.46 -10.50
CA ASP A 229 -8.67 -2.66 -11.61
C ASP A 229 -7.62 -2.60 -12.75
N ILE A 230 -6.33 -2.59 -12.38
CA ILE A 230 -5.27 -2.43 -13.34
C ILE A 230 -5.24 -3.66 -14.24
N LYS A 231 -5.25 -4.83 -13.62
CA LYS A 231 -5.22 -6.09 -14.33
C LYS A 231 -6.49 -6.28 -15.13
N ARG A 232 -7.62 -5.89 -14.55
CA ARG A 232 -8.89 -6.06 -15.26
C ARG A 232 -8.90 -5.23 -16.56
N LEU A 233 -8.43 -3.98 -16.49
CA LEU A 233 -8.42 -3.12 -17.68
C LEU A 233 -7.39 -3.59 -18.72
N LEU A 234 -6.22 -4.00 -18.24
CA LEU A 234 -5.20 -4.56 -19.12
C LEU A 234 -5.68 -5.77 -19.89
N THR A 235 -6.39 -6.65 -19.19
CA THR A 235 -6.91 -7.85 -19.78
C THR A 235 -7.90 -7.52 -20.89
N LYS A 236 -8.82 -6.60 -20.60
CA LYS A 236 -9.81 -6.14 -21.57
C LYS A 236 -9.13 -5.56 -22.80
N LEU A 237 -8.09 -4.75 -22.60
CA LEU A 237 -7.44 -4.08 -23.73
C LEU A 237 -6.60 -5.05 -24.53
N LEU A 238 -6.29 -6.22 -23.96
CA LEU A 238 -5.42 -7.17 -24.61
C LEU A 238 -6.20 -8.37 -25.22
N VAL A 239 -7.52 -8.36 -25.12
CA VAL A 239 -8.33 -9.46 -25.63
C VAL A 239 -8.02 -9.66 -27.11
N GLY A 240 -7.74 -10.91 -27.49
CA GLY A 240 -7.46 -11.25 -28.88
C GLY A 240 -6.20 -10.62 -29.43
N ARG A 241 -5.33 -10.07 -28.59
CA ARG A 241 -4.04 -9.56 -29.05
C ARG A 241 -2.99 -10.24 -28.20
N PRO A 242 -1.73 -10.23 -28.64
CA PRO A 242 -0.70 -10.72 -27.70
C PRO A 242 -0.53 -9.76 -26.51
N THR A 243 -0.07 -10.30 -25.39
CA THR A 243 -0.06 -9.54 -24.14
C THR A 243 1.10 -8.55 -24.04
N LYS A 244 1.17 -7.62 -25.00
CA LYS A 244 2.15 -6.54 -25.01
C LYS A 244 1.66 -5.41 -24.07
N TRP A 245 1.81 -5.61 -22.76
CA TRP A 245 1.24 -4.69 -21.78
C TRP A 245 2.06 -3.44 -21.52
N TYR A 246 3.37 -3.51 -21.71
CA TYR A 246 4.26 -2.38 -21.45
C TYR A 246 3.72 -1.02 -21.92
N ASP A 247 3.34 -0.92 -23.19
CA ASP A 247 2.82 0.32 -23.76
C ASP A 247 1.43 0.67 -23.29
N LEU A 248 0.76 -0.22 -22.59
CA LEU A 248 -0.58 0.17 -22.14
C LEU A 248 -0.55 0.74 -20.73
N LEU A 249 0.55 0.56 -20.01
CA LEU A 249 0.58 1.10 -18.64
C LEU A 249 0.19 2.58 -18.59
N PRO A 250 0.81 3.44 -19.42
CA PRO A 250 0.45 4.86 -19.43
C PRO A 250 -1.02 5.07 -19.72
N VAL A 251 -1.55 4.32 -20.66
CA VAL A 251 -2.98 4.42 -21.01
C VAL A 251 -3.83 4.01 -19.82
N VAL A 252 -3.47 2.87 -19.21
CA VAL A 252 -4.28 2.36 -18.09
C VAL A 252 -4.21 3.34 -16.90
N GLN A 253 -3.00 3.83 -16.62
CA GLN A 253 -2.81 4.85 -15.58
C GLN A 253 -3.76 6.03 -15.78
N LEU A 254 -3.71 6.65 -16.95
CA LEU A 254 -4.59 7.77 -17.21
C LEU A 254 -6.06 7.34 -17.12
N ALA A 255 -6.41 6.20 -17.72
CA ALA A 255 -7.83 5.78 -17.75
C ALA A 255 -8.38 5.62 -16.35
N LEU A 256 -7.64 4.91 -15.49
CA LEU A 256 -8.11 4.69 -14.11
C LEU A 256 -8.12 5.99 -13.26
N ASN A 257 -7.13 6.87 -13.48
CA ASN A 257 -7.06 8.07 -12.68
C ASN A 257 -8.22 9.01 -12.99
N ASN A 258 -8.86 8.76 -14.14
CA ASN A 258 -10.00 9.59 -14.57
C ASN A 258 -11.34 8.87 -14.59
N THR A 259 -11.40 7.74 -13.90
CA THR A 259 -12.61 6.96 -13.77
C THR A 259 -13.36 7.31 -12.48
N TYR A 260 -14.66 7.50 -12.61
CA TYR A 260 -15.49 7.81 -11.47
C TYR A 260 -15.63 6.63 -10.51
N SER A 261 -15.56 6.88 -9.21
CA SER A 261 -16.05 5.91 -8.24
C SER A 261 -17.53 6.20 -8.02
N PRO A 262 -18.42 5.26 -8.38
CA PRO A 262 -19.84 5.53 -8.21
C PRO A 262 -20.24 5.95 -6.79
N VAL A 263 -19.63 5.37 -5.77
CA VAL A 263 -19.98 5.77 -4.38
C VAL A 263 -19.47 7.19 -4.06
N LEU A 264 -18.37 7.61 -4.66
CA LEU A 264 -17.84 8.94 -4.33
C LEU A 264 -18.40 10.03 -5.26
N LYS A 265 -18.74 9.68 -6.49
CA LYS A 265 -19.10 10.68 -7.54
C LYS A 265 -17.92 11.56 -7.94
N TYR A 266 -16.69 11.10 -7.68
CA TYR A 266 -15.51 11.79 -8.15
C TYR A 266 -14.51 10.80 -8.72
N THR A 267 -13.62 11.30 -9.57
CA THR A 267 -12.51 10.50 -10.06
C THR A 267 -11.28 10.82 -9.20
N PRO A 268 -10.31 9.92 -9.16
CA PRO A 268 -9.13 10.26 -8.37
C PRO A 268 -8.46 11.56 -8.84
N HIS A 269 -8.47 11.83 -10.14
CA HIS A 269 -7.85 13.03 -10.67
C HIS A 269 -8.50 14.26 -10.06
N GLN A 270 -9.83 14.26 -10.07
CA GLN A 270 -10.61 15.31 -9.45
C GLN A 270 -10.29 15.47 -7.97
N LEU A 271 -10.04 14.38 -7.26
CA LEU A 271 -9.81 14.50 -5.82
C LEU A 271 -8.44 15.09 -5.57
N LEU A 272 -7.52 14.88 -6.53
CA LEU A 272 -6.16 15.41 -6.39
C LEU A 272 -6.05 16.89 -6.85
N PHE A 273 -6.77 17.24 -7.92
CA PHE A 273 -6.53 18.51 -8.60
C PHE A 273 -7.77 19.42 -8.52
N GLY A 274 -8.94 18.85 -8.27
CA GLY A 274 -10.16 19.65 -8.16
C GLY A 274 -10.64 20.17 -9.50
N ILE A 275 -9.98 19.78 -10.58
CA ILE A 275 -10.44 20.11 -11.92
C ILE A 275 -9.91 19.09 -12.94
N ASP A 276 -10.75 18.68 -13.89
CA ASP A 276 -10.33 17.77 -14.94
C ASP A 276 -9.34 18.43 -15.88
N SER A 277 -8.37 17.68 -16.38
CA SER A 277 -7.48 18.14 -17.42
C SER A 277 -8.18 17.91 -18.75
N ASN A 278 -7.45 18.07 -19.85
CA ASN A 278 -8.01 17.94 -21.19
C ASN A 278 -8.19 16.47 -21.58
N THR A 279 -9.05 15.75 -20.87
CA THR A 279 -9.34 14.36 -21.21
C THR A 279 -10.79 14.28 -21.64
N PRO A 280 -11.17 13.17 -22.30
CA PRO A 280 -12.54 13.11 -22.81
C PRO A 280 -13.59 13.22 -21.69
N PHE A 281 -14.70 13.89 -22.02
CA PHE A 281 -15.81 14.12 -21.09
C PHE A 281 -15.42 14.85 -19.82
N ALA A 282 -14.52 15.81 -19.94
CA ALA A 282 -14.08 16.61 -18.81
C ALA A 282 -15.27 17.33 -18.16
N ASN A 283 -15.35 17.28 -16.84
CA ASN A 283 -16.39 17.98 -16.12
C ASN A 283 -16.14 19.48 -16.18
N GLN A 284 -17.19 20.27 -16.29
CA GLN A 284 -17.03 21.71 -16.52
C GLN A 284 -17.82 22.59 -15.57
N ASP A 285 -18.28 22.01 -14.48
CA ASP A 285 -19.09 22.70 -13.50
C ASP A 285 -18.43 23.90 -12.82
N THR A 286 -17.12 23.93 -12.73
CA THR A 286 -16.48 25.04 -12.05
C THR A 286 -15.84 26.02 -13.04
N LEU A 287 -16.32 26.00 -14.27
CA LEU A 287 -15.75 26.84 -15.30
C LEU A 287 -15.77 28.34 -14.90
N ASP A 288 -16.79 28.76 -14.14
CA ASP A 288 -16.94 30.16 -13.76
C ASP A 288 -16.42 30.48 -12.36
N LEU A 289 -15.81 29.51 -11.69
CA LEU A 289 -15.18 29.78 -10.41
C LEU A 289 -13.76 30.20 -10.65
N THR A 290 -13.20 30.98 -9.74
CA THR A 290 -11.78 31.25 -9.79
C THR A 290 -11.09 29.98 -9.27
N ARG A 291 -9.76 29.90 -9.42
CA ARG A 291 -9.06 28.75 -8.93
C ARG A 291 -9.26 28.63 -7.42
N GLU A 292 -9.15 29.75 -6.71
CA GLU A 292 -9.35 29.78 -5.25
C GLU A 292 -10.73 29.30 -4.86
N GLU A 293 -11.77 29.79 -5.52
CA GLU A 293 -13.11 29.22 -5.26
C GLU A 293 -13.17 27.71 -5.51
N GLU A 294 -12.58 27.27 -6.63
CA GLU A 294 -12.47 25.86 -6.98
C GLU A 294 -11.75 25.08 -5.85
N LEU A 295 -10.58 25.56 -5.41
CA LEU A 295 -9.82 24.92 -4.34
C LEU A 295 -10.56 24.88 -3.01
N SER A 296 -11.50 25.77 -2.87
CA SER A 296 -12.22 25.90 -1.64
C SER A 296 -13.33 24.84 -1.64
N LEU A 297 -14.05 24.73 -2.76
CA LEU A 297 -14.96 23.63 -3.00
C LEU A 297 -14.26 22.25 -2.90
N LEU A 298 -13.05 22.13 -3.46
CA LEU A 298 -12.27 20.91 -3.33
C LEU A 298 -12.00 20.51 -1.88
N GLN A 299 -11.69 21.50 -1.05
CA GLN A 299 -11.38 21.22 0.36
C GLN A 299 -12.61 20.70 1.07
N GLU A 300 -13.75 21.27 0.72
CA GLU A 300 -15.04 20.78 1.19
C GLU A 300 -15.37 19.36 0.68
N ILE A 301 -15.28 19.15 -0.63
CA ILE A 301 -15.49 17.83 -1.22
C ILE A 301 -14.63 16.75 -0.56
N ARG A 302 -13.39 17.08 -0.25
CA ARG A 302 -12.46 16.12 0.34
C ARG A 302 -12.88 15.67 1.73
N THR A 303 -13.46 16.57 2.52
CA THR A 303 -13.74 16.27 3.91
C THR A 303 -15.05 15.52 4.08
N SER A 304 -15.92 15.56 3.07
CA SER A 304 -17.22 14.93 3.22
C SER A 304 -17.44 13.67 2.36
N LEU A 305 -16.38 12.98 2.00
CA LEU A 305 -16.51 11.74 1.25
C LEU A 305 -17.13 10.63 2.12
N TYR A 306 -17.97 9.80 1.52
CA TYR A 306 -18.45 8.59 2.16
C TYR A 306 -17.33 7.79 2.85
N HIS A 307 -17.54 7.44 4.10
CA HIS A 307 -16.65 6.50 4.78
C HIS A 307 -17.41 5.32 5.34
N PRO A 308 -16.99 4.11 4.97
CA PRO A 308 -17.77 2.91 5.39
C PRO A 308 -17.55 2.60 6.88
N SER A 309 -18.42 1.84 7.51
CA SER A 309 -18.15 1.50 8.91
C SER A 309 -17.92 0.01 9.10
N THR A 310 -17.18 -0.31 10.14
CA THR A 310 -16.96 -1.65 10.63
C THR A 310 -18.27 -2.46 10.56
N PRO A 311 -18.29 -3.59 9.82
CA PRO A 311 -19.49 -4.41 9.67
C PRO A 311 -19.78 -5.21 10.96
N PRO A 312 -20.97 -5.85 11.03
CA PRO A 312 -21.29 -6.68 12.22
C PRO A 312 -20.34 -7.85 12.42
N ALA A 313 -20.02 -8.18 13.67
CA ALA A 313 -19.24 -9.40 13.97
C ALA A 313 -20.02 -10.60 13.46
N SER A 314 -19.33 -11.66 13.06
CA SER A 314 -20.04 -12.88 12.76
C SER A 314 -20.47 -13.50 14.10
N SER A 315 -21.47 -14.39 14.11
CA SER A 315 -21.97 -14.93 15.40
C SER A 315 -20.93 -15.67 16.24
N ARG A 316 -19.83 -16.12 15.63
CA ARG A 316 -18.81 -16.79 16.42
C ARG A 316 -17.41 -16.29 16.15
N SER A 317 -17.18 -15.02 16.43
CA SER A 317 -15.87 -14.42 16.27
C SER A 317 -15.15 -14.39 17.61
N TRP A 318 -13.87 -14.08 17.59
CA TRP A 318 -13.17 -13.90 18.83
C TRP A 318 -12.39 -12.64 18.66
N SER A 319 -12.20 -11.91 19.76
CA SER A 319 -11.33 -10.74 19.78
C SER A 319 -10.27 -10.97 20.84
N PRO A 320 -9.04 -10.56 20.55
CA PRO A 320 -7.87 -10.90 21.36
C PRO A 320 -7.83 -10.11 22.68
N VAL A 321 -7.30 -10.74 23.71
CA VAL A 321 -7.25 -10.19 25.06
C VAL A 321 -5.80 -10.34 25.55
N VAL A 322 -5.26 -9.32 26.23
CA VAL A 322 -3.87 -9.39 26.76
C VAL A 322 -3.74 -10.62 27.64
N GLY A 323 -2.64 -11.36 27.50
CA GLY A 323 -2.48 -12.62 28.26
C GLY A 323 -3.00 -13.90 27.61
N GLN A 324 -3.94 -13.80 26.66
CA GLN A 324 -4.50 -14.96 25.93
C GLN A 324 -3.45 -15.80 25.23
N LEU A 325 -3.64 -17.11 25.24
CA LEU A 325 -2.84 -17.99 24.38
C LEU A 325 -3.49 -18.06 23.02
N VAL A 326 -2.68 -17.86 21.99
CA VAL A 326 -3.11 -17.79 20.63
C VAL A 326 -2.02 -18.43 19.82
N GLN A 327 -2.33 -18.86 18.60
CA GLN A 327 -1.34 -19.46 17.74
C GLN A 327 -1.36 -18.76 16.40
N GLU A 328 -0.15 -18.52 15.91
CA GLU A 328 0.08 -17.89 14.64
C GLU A 328 0.07 -18.94 13.55
N ARG A 329 -0.57 -18.63 12.43
CA ARG A 329 -0.59 -19.47 11.25
C ARG A 329 0.81 -19.67 10.71
N VAL A 330 1.15 -20.91 10.32
CA VAL A 330 2.43 -21.17 9.65
C VAL A 330 2.36 -20.57 8.26
N ALA A 331 3.37 -19.80 7.87
CA ALA A 331 3.31 -19.05 6.61
C ALA A 331 3.24 -19.95 5.37
N ARG A 332 4.22 -20.82 5.18
CA ARG A 332 4.23 -21.68 4.00
C ARG A 332 4.46 -23.12 4.47
N PRO A 333 3.41 -23.76 5.01
CA PRO A 333 3.60 -25.04 5.70
C PRO A 333 3.92 -26.12 4.70
N ALA A 334 4.95 -26.92 5.00
CA ALA A 334 5.29 -28.05 4.14
C ALA A 334 4.16 -29.12 4.08
N SER A 335 4.24 -29.97 3.08
CA SER A 335 3.29 -31.03 2.91
C SER A 335 3.32 -31.90 4.17
N LEU A 336 2.14 -32.20 4.70
CA LEU A 336 1.98 -33.04 5.88
C LEU A 336 2.56 -32.43 7.16
N ARG A 337 2.64 -31.11 7.20
CA ARG A 337 3.11 -30.40 8.39
C ARG A 337 2.02 -29.50 8.98
N PRO A 338 2.09 -29.20 10.29
CA PRO A 338 1.04 -28.39 10.91
C PRO A 338 0.90 -27.00 10.28
N ARG A 339 -0.33 -26.49 10.32
CA ARG A 339 -0.66 -25.18 9.75
CA ARG A 339 -0.63 -25.18 9.75
C ARG A 339 -0.50 -24.10 10.82
N TRP A 340 -0.31 -24.52 12.07
CA TRP A 340 -0.18 -23.60 13.22
C TRP A 340 1.08 -23.77 13.98
N HIS A 341 1.64 -22.66 14.43
CA HIS A 341 2.73 -22.66 15.42
C HIS A 341 2.27 -23.02 16.81
N LYS A 342 3.24 -23.31 17.67
CA LYS A 342 3.00 -23.56 19.09
C LYS A 342 2.35 -22.35 19.73
N PRO A 343 1.63 -22.56 20.82
CA PRO A 343 0.94 -21.41 21.41
C PRO A 343 1.89 -20.26 21.83
N SER A 344 1.38 -19.04 21.84
CA SER A 344 2.14 -17.90 22.30
C SER A 344 1.17 -16.96 22.98
N THR A 345 1.69 -15.90 23.60
CA THR A 345 0.85 -15.08 24.48
C THR A 345 0.68 -13.70 23.88
N VAL A 346 -0.52 -13.16 24.01
CA VAL A 346 -0.78 -11.81 23.55
C VAL A 346 -0.16 -10.84 24.57
N LEU A 347 0.93 -10.16 24.16
CA LEU A 347 1.53 -9.08 24.96
C LEU A 347 0.68 -7.83 24.93
N LYS A 348 0.24 -7.41 23.74
CA LYS A 348 -0.45 -6.15 23.60
C LYS A 348 -1.49 -6.22 22.51
N VAL A 349 -2.66 -5.68 22.79
CA VAL A 349 -3.73 -5.49 21.83
C VAL A 349 -3.59 -4.08 21.22
N LEU A 350 -2.90 -3.98 20.07
CA LEU A 350 -2.75 -2.68 19.37
C LEU A 350 -4.06 -2.09 18.92
N ASN A 351 -4.94 -2.92 18.36
CA ASN A 351 -6.35 -2.56 18.10
C ASN A 351 -7.08 -3.90 18.06
N PRO A 352 -8.42 -3.91 17.91
CA PRO A 352 -9.08 -5.22 18.02
C PRO A 352 -8.71 -6.25 16.93
N ARG A 353 -7.96 -5.82 15.90
CA ARG A 353 -7.62 -6.70 14.81
C ARG A 353 -6.11 -6.93 14.72
N THR A 354 -5.33 -6.29 15.61
CA THR A 354 -3.85 -6.32 15.53
C THR A 354 -3.22 -6.51 16.91
N VAL A 355 -2.25 -7.41 17.01
CA VAL A 355 -1.66 -7.70 18.32
C VAL A 355 -0.18 -7.92 18.27
N VAL A 356 0.47 -7.65 19.42
CA VAL A 356 1.85 -8.09 19.62
C VAL A 356 1.78 -9.38 20.43
N ILE A 357 2.51 -10.38 19.96
CA ILE A 357 2.58 -11.66 20.65
C ILE A 357 4.05 -11.96 20.94
N LEU A 358 4.27 -12.73 22.01
CA LEU A 358 5.58 -13.28 22.32
C LEU A 358 5.75 -14.65 21.65
N ASP A 359 6.45 -14.66 20.53
CA ASP A 359 6.33 -15.71 19.52
C ASP A 359 6.95 -17.05 19.86
N HIS A 360 6.99 -17.91 18.83
CA HIS A 360 7.36 -19.33 18.92
C HIS A 360 8.80 -19.60 19.25
N LEU A 361 9.67 -18.62 18.95
CA LEU A 361 11.06 -18.57 19.46
C LEU A 361 11.07 -17.83 20.82
N GLY A 362 11.35 -16.53 20.79
CA GLY A 362 11.23 -15.65 21.97
C GLY A 362 11.01 -14.19 21.59
N ASN A 363 10.64 -13.94 20.33
CA ASN A 363 10.49 -12.59 19.79
C ASN A 363 9.10 -11.99 19.90
N ASN A 364 9.08 -10.66 19.94
CA ASN A 364 7.88 -9.87 19.78
C ASN A 364 7.54 -9.90 18.31
N ARG A 365 6.27 -10.12 17.99
CA ARG A 365 5.81 -10.06 16.60
C ARG A 365 4.50 -9.33 16.58
N THR A 366 4.34 -8.44 15.61
CA THR A 366 3.10 -7.73 15.44
C THR A 366 2.38 -8.44 14.29
N VAL A 367 1.14 -8.81 14.52
CA VAL A 367 0.55 -9.86 13.74
C VAL A 367 -0.92 -9.54 13.60
N SER A 368 -1.49 -9.86 12.43
CA SER A 368 -2.94 -9.71 12.22
C SER A 368 -3.69 -10.82 12.94
N ILE A 369 -4.86 -10.48 13.44
CA ILE A 369 -5.72 -11.46 14.08
C ILE A 369 -6.16 -12.55 13.04
N ASP A 370 -6.23 -12.19 11.74
CA ASP A 370 -6.58 -13.15 10.67
C ASP A 370 -5.51 -14.23 10.57
N ASN A 371 -4.33 -14.00 11.13
CA ASN A 371 -3.30 -15.02 11.11
C ASN A 371 -3.10 -15.68 12.47
N LEU A 372 -4.11 -15.60 13.32
CA LEU A 372 -4.09 -16.18 14.63
C LEU A 372 -5.34 -17.02 14.87
N LYS A 373 -5.20 -18.08 15.65
CA LYS A 373 -6.36 -18.68 16.32
C LYS A 373 -6.18 -18.67 17.87
N PRO A 374 -7.29 -18.56 18.60
CA PRO A 374 -7.12 -18.70 20.05
C PRO A 374 -6.88 -20.15 20.37
N THR A 375 -5.85 -20.44 21.14
CA THR A 375 -5.64 -21.80 21.59
C THR A 375 -6.87 -22.39 22.27
N SER A 376 -7.21 -23.59 21.84
CA SER A 376 -8.40 -24.27 22.35
C SER A 376 -8.25 -24.85 23.77
N HIS A 377 -9.37 -25.00 24.47
CA HIS A 377 -9.39 -25.64 25.80
C HIS A 377 -8.60 -24.88 26.84
N GLN A 378 -8.62 -23.54 26.76
CA GLN A 378 -7.83 -22.68 27.66
C GLN A 378 -6.34 -23.04 27.79
N ASP B 119 -15.70 36.24 -19.55
CA ASP B 119 -14.55 35.34 -19.86
C ASP B 119 -14.05 34.58 -18.61
N ARG B 120 -13.71 33.31 -18.79
CA ARG B 120 -13.51 32.39 -17.66
C ARG B 120 -12.13 32.51 -16.99
N PRO B 121 -12.09 32.41 -15.65
CA PRO B 121 -10.80 32.45 -14.94
C PRO B 121 -9.81 31.38 -15.42
N GLN B 122 -8.54 31.72 -15.37
CA GLN B 122 -7.48 30.83 -15.74
C GLN B 122 -7.38 29.62 -14.76
N LYS B 123 -6.99 28.46 -15.29
CA LYS B 123 -6.99 27.22 -14.52
C LYS B 123 -5.74 26.38 -14.82
N PRO B 124 -5.34 25.49 -13.88
CA PRO B 124 -4.28 24.50 -14.18
C PRO B 124 -4.70 23.68 -15.40
N PHE B 125 -3.73 23.33 -16.27
CA PHE B 125 -3.99 22.51 -17.51
C PHE B 125 -4.55 23.28 -18.69
N ASP B 126 -4.91 24.56 -18.48
CA ASP B 126 -5.28 25.45 -19.59
C ASP B 126 -4.18 25.54 -20.62
N LYS B 127 -2.95 25.70 -20.14
CA LYS B 127 -1.82 25.93 -21.02
C LYS B 127 -0.50 25.46 -20.40
N PHE B 128 0.26 24.66 -21.13
CA PHE B 128 1.60 24.27 -20.71
C PHE B 128 2.61 24.98 -21.60
N PHE B 129 3.66 25.51 -20.99
CA PHE B 129 4.71 26.17 -21.73
C PHE B 129 5.88 25.22 -21.71
N ILE B 130 6.40 24.93 -22.88
CA ILE B 130 7.49 23.97 -22.99
C ILE B 130 8.71 24.58 -23.67
N ASP B 131 9.88 24.13 -23.25
CA ASP B 131 11.08 24.60 -23.87
C ASP B 131 12.22 23.66 -23.57
N TYR B 132 13.26 23.70 -24.40
CA TYR B 132 14.47 22.96 -24.06
C TYR B 132 15.54 23.85 -23.42
N ILE B 133 16.28 23.29 -22.48
CA ILE B 133 17.50 23.86 -21.96
C ILE B 133 18.66 22.91 -22.32
N GLY B 134 19.74 23.46 -22.83
CA GLY B 134 20.93 22.66 -23.15
C GLY B 134 21.50 23.03 -24.51
N PRO B 135 22.58 22.34 -24.92
CA PRO B 135 23.24 21.19 -24.28
C PRO B 135 23.85 21.51 -22.94
N LEU B 136 23.81 20.53 -22.04
CA LEU B 136 24.45 20.60 -20.75
C LEU B 136 25.55 19.55 -20.77
N PRO B 137 26.49 19.59 -19.80
CA PRO B 137 27.47 18.51 -19.74
C PRO B 137 26.75 17.18 -19.57
N PRO B 138 27.25 16.11 -20.21
CA PRO B 138 26.67 14.78 -20.06
C PRO B 138 26.41 14.42 -18.61
N SER B 139 25.25 13.80 -18.34
CA SER B 139 24.92 13.24 -17.01
C SER B 139 24.05 12.01 -17.23
N GLN B 140 24.53 10.85 -16.80
CA GLN B 140 23.92 9.54 -17.14
C GLN B 140 23.49 9.43 -18.60
N GLY B 141 24.26 10.07 -19.49
CA GLY B 141 23.99 10.00 -20.92
C GLY B 141 23.07 11.09 -21.45
N TYR B 142 22.60 11.96 -20.56
CA TYR B 142 21.62 12.99 -20.95
C TYR B 142 22.24 14.36 -21.15
N LEU B 143 21.68 15.12 -22.09
CA LEU B 143 22.25 16.40 -22.49
C LEU B 143 21.32 17.62 -22.37
N TYR B 144 20.02 17.38 -22.39
CA TYR B 144 19.05 18.45 -22.39
C TYR B 144 18.01 18.25 -21.29
N VAL B 145 17.24 19.29 -21.02
CA VAL B 145 16.11 19.21 -20.11
C VAL B 145 14.95 19.83 -20.84
N LEU B 146 13.87 19.08 -20.95
CA LEU B 146 12.65 19.63 -21.47
C LEU B 146 11.94 20.21 -20.27
N VAL B 147 11.52 21.46 -20.38
CA VAL B 147 10.95 22.22 -19.26
C VAL B 147 9.49 22.41 -19.58
N VAL B 148 8.62 22.01 -18.66
CA VAL B 148 7.19 22.23 -18.83
C VAL B 148 6.71 23.00 -17.62
N VAL B 149 6.00 24.09 -17.88
CA VAL B 149 5.51 24.94 -16.83
C VAL B 149 4.04 25.14 -17.09
N ASP B 150 3.23 24.84 -16.09
CA ASP B 150 1.81 25.13 -16.19
C ASP B 150 1.60 26.64 -15.98
N GLY B 151 0.88 27.27 -16.91
CA GLY B 151 0.68 28.71 -16.96
C GLY B 151 -0.04 29.30 -15.76
N MET B 152 -1.14 28.68 -15.36
CA MET B 152 -1.91 29.18 -14.22
C MET B 152 -1.19 29.01 -12.87
N THR B 153 -0.64 27.82 -12.61
CA THR B 153 -0.09 27.51 -11.30
C THR B 153 1.38 27.85 -11.18
N GLY B 154 2.07 27.88 -12.32
CA GLY B 154 3.54 27.96 -12.29
C GLY B 154 4.26 26.64 -11.98
N PHE B 155 3.50 25.55 -11.82
CA PHE B 155 4.10 24.22 -11.53
C PHE B 155 5.02 23.81 -12.68
N THR B 156 6.19 23.33 -12.32
CA THR B 156 7.21 22.90 -13.27
C THR B 156 7.39 21.38 -13.26
N TRP B 157 7.51 20.80 -14.45
CA TRP B 157 8.00 19.43 -14.63
C TRP B 157 9.19 19.51 -15.55
N LEU B 158 10.19 18.68 -15.27
CA LEU B 158 11.42 18.61 -16.03
C LEU B 158 11.69 17.18 -16.52
N TYR B 159 12.18 17.04 -17.76
CA TYR B 159 12.52 15.72 -18.30
C TYR B 159 13.85 15.75 -18.99
N PRO B 160 14.76 14.88 -18.55
CA PRO B 160 16.06 14.73 -19.20
C PRO B 160 15.90 14.07 -20.58
N THR B 161 16.55 14.61 -21.59
CA THR B 161 16.57 13.97 -22.91
C THR B 161 17.99 13.91 -23.46
N LYS B 162 18.20 13.10 -24.50
CA LYS B 162 19.51 13.00 -25.11
C LYS B 162 19.60 13.96 -26.28
N ALA B 163 18.49 14.60 -26.65
CA ALA B 163 18.44 15.48 -27.79
C ALA B 163 17.19 16.35 -27.76
N PRO B 164 17.22 17.52 -28.44
CA PRO B 164 16.01 18.32 -28.56
C PRO B 164 15.24 17.93 -29.82
N SER B 165 14.91 16.65 -29.92
CA SER B 165 14.20 16.13 -31.11
C SER B 165 12.73 15.99 -30.83
N THR B 166 11.94 15.83 -31.89
CA THR B 166 10.51 15.53 -31.74
C THR B 166 10.33 14.24 -30.96
N SER B 167 11.18 13.27 -31.26
CA SER B 167 11.06 11.96 -30.68
C SER B 167 11.26 12.00 -29.15
N ALA B 168 12.33 12.65 -28.69
CA ALA B 168 12.57 12.85 -27.25
C ALA B 168 11.46 13.65 -26.57
N THR B 169 10.86 14.59 -27.31
CA THR B 169 9.82 15.42 -26.75
C THR B 169 8.55 14.61 -26.54
N VAL B 170 8.15 13.89 -27.59
CA VAL B 170 6.99 12.97 -27.55
C VAL B 170 7.15 11.92 -26.41
N LYS B 171 8.35 11.37 -26.29
CA LYS B 171 8.62 10.37 -25.30
C LYS B 171 8.45 10.99 -23.90
N SER B 172 8.95 12.20 -23.72
CA SER B 172 8.85 12.90 -22.43
C SER B 172 7.45 13.38 -22.16
N LEU B 173 6.80 13.98 -23.15
CA LEU B 173 5.42 14.42 -22.94
C LEU B 173 4.40 13.27 -22.76
N ASN B 174 4.75 12.08 -23.27
CA ASN B 174 3.90 10.88 -23.07
C ASN B 174 3.87 10.50 -21.59
N VAL B 175 4.97 10.73 -20.88
CA VAL B 175 4.98 10.55 -19.43
C VAL B 175 4.07 11.58 -18.79
N LEU B 176 4.25 12.86 -19.11
CA LEU B 176 3.43 13.90 -18.50
C LEU B 176 1.96 13.76 -18.82
N THR B 177 1.66 13.48 -20.09
CA THR B 177 0.27 13.45 -20.52
C THR B 177 -0.45 12.16 -20.12
N SER B 178 0.27 11.28 -19.43
CA SER B 178 -0.35 10.13 -18.79
C SER B 178 -0.69 10.48 -17.33
N ILE B 179 -0.31 11.67 -16.90
CA ILE B 179 -0.79 12.24 -15.62
C ILE B 179 -1.83 13.32 -15.84
N ALA B 180 -1.58 14.25 -16.76
CA ALA B 180 -2.55 15.31 -17.04
C ALA B 180 -2.34 15.87 -18.44
N ILE B 181 -3.42 16.21 -19.11
CA ILE B 181 -3.36 16.67 -20.49
C ILE B 181 -3.74 18.15 -20.57
N PRO B 182 -2.86 18.99 -21.14
CA PRO B 182 -3.13 20.42 -21.29
C PRO B 182 -4.07 20.64 -22.46
N LYS B 183 -4.85 21.72 -22.42
CA LYS B 183 -5.65 22.12 -23.58
C LYS B 183 -4.74 22.67 -24.69
N VAL B 184 -3.68 23.36 -24.29
CA VAL B 184 -2.81 24.07 -25.21
C VAL B 184 -1.40 23.82 -24.73
N ILE B 185 -0.52 23.56 -25.70
CA ILE B 185 0.89 23.64 -25.48
C ILE B 185 1.41 24.89 -26.21
N HIS B 186 2.17 25.71 -25.49
CA HIS B 186 2.86 26.87 -26.04
C HIS B 186 4.34 26.63 -26.08
N SER B 187 4.96 26.98 -27.21
CA SER B 187 6.42 26.88 -27.33
C SER B 187 6.95 27.91 -28.33
N ASP B 188 8.28 28.06 -28.39
CA ASP B 188 8.87 28.79 -29.53
C ASP B 188 8.82 27.90 -30.79
N GLN B 189 9.46 28.34 -31.87
CA GLN B 189 9.43 27.60 -33.11
C GLN B 189 10.62 26.68 -33.24
N GLY B 190 11.07 26.10 -32.13
CA GLY B 190 12.07 25.04 -32.19
C GLY B 190 11.67 23.93 -33.16
N ALA B 191 12.66 23.26 -33.73
CA ALA B 191 12.40 22.23 -34.75
C ALA B 191 11.53 21.08 -34.18
N ALA B 192 11.90 20.61 -32.99
CA ALA B 192 11.15 19.56 -32.31
C ALA B 192 9.68 19.88 -32.23
N PHE B 193 9.32 21.16 -32.04
CA PHE B 193 7.92 21.52 -31.78
C PHE B 193 7.14 21.85 -33.02
N THR B 194 7.85 22.15 -34.12
CA THR B 194 7.13 22.58 -35.35
C THR B 194 7.03 21.43 -36.40
N SER B 195 7.68 20.28 -36.14
CA SER B 195 7.57 19.09 -37.01
C SER B 195 6.14 18.63 -37.23
N SER B 196 5.90 17.96 -38.35
CA SER B 196 4.56 17.43 -38.60
C SER B 196 4.22 16.25 -37.66
N THR B 197 5.24 15.49 -37.23
CA THR B 197 5.07 14.46 -36.22
C THR B 197 4.54 15.04 -34.91
N PHE B 198 5.26 16.02 -34.34
CA PHE B 198 4.78 16.63 -33.12
C PHE B 198 3.37 17.18 -33.31
N ALA B 199 3.10 17.77 -34.46
CA ALA B 199 1.72 18.22 -34.71
C ALA B 199 0.72 17.06 -34.68
N GLU B 200 1.05 15.95 -35.34
CA GLU B 200 0.17 14.76 -35.33
C GLU B 200 -0.07 14.27 -33.88
N TRP B 201 1.00 14.18 -33.10
CA TRP B 201 0.91 13.80 -31.69
C TRP B 201 -0.06 14.65 -30.91
N ALA B 202 0.02 15.97 -31.10
CA ALA B 202 -0.87 16.86 -30.37
C ALA B 202 -2.30 16.68 -30.83
N LYS B 203 -2.44 16.49 -32.14
CA LYS B 203 -3.77 16.37 -32.72
C LYS B 203 -4.48 15.13 -32.18
N GLU B 204 -3.72 14.05 -32.02
CA GLU B 204 -4.26 12.79 -31.50
C GLU B 204 -4.78 12.94 -30.07
N ARG B 205 -4.20 13.85 -29.32
CA ARG B 205 -4.60 14.05 -27.93
C ARG B 205 -5.50 15.26 -27.71
N GLY B 206 -6.01 15.84 -28.80
CA GLY B 206 -6.86 17.04 -28.71
C GLY B 206 -6.16 18.22 -28.06
N ILE B 207 -4.83 18.30 -28.20
CA ILE B 207 -4.04 19.41 -27.72
C ILE B 207 -3.79 20.44 -28.83
N HIS B 208 -4.18 21.69 -28.60
CA HIS B 208 -3.87 22.77 -29.53
C HIS B 208 -2.43 23.19 -29.36
N LEU B 209 -1.72 23.39 -30.47
CA LEU B 209 -0.34 23.87 -30.40
C LEU B 209 -0.31 25.37 -30.63
N GLU B 210 0.56 26.06 -29.90
CA GLU B 210 0.65 27.52 -29.98
C GLU B 210 2.10 27.94 -30.01
N PHE B 211 2.43 28.75 -31.03
CA PHE B 211 3.80 29.17 -31.26
C PHE B 211 3.95 30.68 -31.08
N SER B 212 5.01 31.06 -30.41
CA SER B 212 5.41 32.45 -30.44
C SER B 212 6.03 32.71 -31.82
N THR B 213 5.94 33.96 -32.28
CA THR B 213 6.55 34.37 -33.57
C THR B 213 8.08 34.22 -33.47
N PRO B 214 8.75 33.81 -34.57
CA PRO B 214 10.21 33.60 -34.47
C PRO B 214 10.93 34.85 -33.95
N TYR B 215 11.95 34.63 -33.13
CA TYR B 215 12.81 35.70 -32.57
C TYR B 215 12.13 36.55 -31.48
N HIS B 216 10.81 36.43 -31.34
CA HIS B 216 10.05 37.13 -30.28
C HIS B 216 9.42 36.15 -29.30
N PRO B 217 10.24 35.53 -28.41
CA PRO B 217 9.67 34.59 -27.45
C PRO B 217 8.85 35.33 -26.41
N GLN B 218 7.64 34.83 -26.16
CA GLN B 218 6.75 35.46 -25.22
C GLN B 218 5.87 34.40 -24.58
N SER B 219 5.61 34.56 -23.29
CA SER B 219 4.83 33.59 -22.55
C SER B 219 3.85 34.30 -21.62
N SER B 220 4.31 34.58 -20.40
CA SER B 220 3.58 35.39 -19.40
C SER B 220 4.66 35.77 -18.40
N GLY B 221 4.39 36.81 -17.59
CA GLY B 221 5.34 37.28 -16.59
C GLY B 221 5.72 36.14 -15.69
N LYS B 222 4.70 35.48 -15.15
CA LYS B 222 4.86 34.32 -14.25
C LYS B 222 5.74 33.23 -14.88
N VAL B 223 5.42 32.84 -16.11
CA VAL B 223 6.19 31.81 -16.80
C VAL B 223 7.65 32.26 -17.06
N GLU B 224 7.81 33.48 -17.58
CA GLU B 224 9.15 34.05 -17.82
C GLU B 224 9.99 34.06 -16.54
N ARG B 225 9.38 34.54 -15.45
CA ARG B 225 10.06 34.53 -14.20
C ARG B 225 10.42 33.11 -13.77
N LYS B 226 9.47 32.19 -13.92
CA LYS B 226 9.73 30.80 -13.56
C LYS B 226 10.87 30.22 -14.37
N ASN B 227 10.88 30.48 -15.68
CA ASN B 227 11.97 29.99 -16.54
C ASN B 227 13.33 30.57 -16.16
N SER B 228 13.32 31.84 -15.80
CA SER B 228 14.51 32.49 -15.32
C SER B 228 14.99 31.74 -14.06
N ASP B 229 14.08 31.53 -13.10
CA ASP B 229 14.45 30.77 -11.88
C ASP B 229 15.08 29.41 -12.21
N ILE B 230 14.44 28.66 -13.11
CA ILE B 230 14.95 27.34 -13.52
C ILE B 230 16.40 27.41 -14.03
N LYS B 231 16.66 28.31 -14.98
CA LYS B 231 18.02 28.49 -15.51
C LYS B 231 19.02 28.83 -14.41
N ARG B 232 18.62 29.74 -13.53
CA ARG B 232 19.51 30.19 -12.46
C ARG B 232 19.74 29.09 -11.45
N LEU B 233 18.67 28.38 -11.06
CA LEU B 233 18.82 27.30 -10.11
C LEU B 233 19.69 26.20 -10.70
N LEU B 234 19.46 25.85 -11.96
CA LEU B 234 20.29 24.85 -12.62
C LEU B 234 21.75 25.23 -12.64
N THR B 235 22.04 26.46 -13.08
CA THR B 235 23.41 27.00 -13.17
C THR B 235 24.11 26.91 -11.82
N LYS B 236 23.40 27.31 -10.77
CA LYS B 236 23.98 27.33 -9.44
C LYS B 236 24.34 25.92 -8.99
N LEU B 237 23.45 24.97 -9.20
CA LEU B 237 23.68 23.64 -8.64
C LEU B 237 24.64 22.77 -9.49
N LEU B 238 24.72 23.03 -10.79
CA LEU B 238 25.71 22.32 -11.60
C LEU B 238 27.19 22.70 -11.30
N VAL B 239 27.50 23.98 -11.03
CA VAL B 239 28.90 24.33 -10.69
C VAL B 239 29.42 23.50 -9.51
N GLY B 240 30.62 22.96 -9.66
CA GLY B 240 31.14 22.00 -8.69
C GLY B 240 30.85 20.56 -9.08
N ARG B 241 29.64 20.30 -9.61
CA ARG B 241 29.23 18.95 -10.04
C ARG B 241 28.47 18.96 -11.39
N PRO B 242 29.14 19.44 -12.47
CA PRO B 242 28.45 19.70 -13.76
C PRO B 242 27.89 18.43 -14.40
N THR B 243 28.19 17.30 -13.77
CA THR B 243 27.92 15.99 -14.33
C THR B 243 26.85 15.25 -13.52
N LYS B 244 26.49 15.80 -12.36
CA LYS B 244 25.59 15.10 -11.43
C LYS B 244 24.14 15.60 -11.46
N TRP B 245 23.75 16.31 -12.51
CA TRP B 245 22.44 16.96 -12.49
C TRP B 245 21.27 16.04 -12.67
N TYR B 246 21.47 14.95 -13.42
CA TYR B 246 20.43 13.93 -13.56
C TYR B 246 19.84 13.56 -12.21
N ASP B 247 20.69 13.27 -11.22
CA ASP B 247 20.22 12.84 -9.92
C ASP B 247 19.53 13.95 -9.15
N LEU B 248 19.79 15.21 -9.52
CA LEU B 248 19.28 16.36 -8.77
C LEU B 248 17.95 16.88 -9.29
N LEU B 249 17.54 16.41 -10.47
CA LEU B 249 16.31 16.93 -11.06
C LEU B 249 15.10 16.84 -10.13
N PRO B 250 14.93 15.71 -9.40
CA PRO B 250 13.79 15.74 -8.46
C PRO B 250 13.85 16.89 -7.46
N VAL B 251 14.98 17.05 -6.78
CA VAL B 251 15.07 18.07 -5.74
C VAL B 251 14.85 19.49 -6.32
N VAL B 252 15.39 19.72 -7.50
CA VAL B 252 15.16 20.97 -8.22
C VAL B 252 13.68 21.30 -8.41
N GLN B 253 12.90 20.32 -8.88
CA GLN B 253 11.48 20.53 -9.11
C GLN B 253 10.74 20.80 -7.81
N LEU B 254 11.06 20.06 -6.77
CA LEU B 254 10.40 20.27 -5.46
C LEU B 254 10.68 21.67 -4.98
N ALA B 255 11.93 22.10 -5.16
CA ALA B 255 12.37 23.44 -4.78
C ALA B 255 11.56 24.46 -5.54
N LEU B 256 11.54 24.34 -6.86
CA LEU B 256 10.79 25.28 -7.68
C LEU B 256 9.33 25.32 -7.34
N ASN B 257 8.74 24.17 -6.99
CA ASN B 257 7.29 24.03 -6.95
C ASN B 257 6.78 24.33 -5.54
N ASN B 258 7.74 24.45 -4.62
CA ASN B 258 7.42 24.90 -3.28
C ASN B 258 8.06 26.30 -2.99
N THR B 259 8.27 27.08 -4.05
CA THR B 259 8.74 28.46 -3.96
C THR B 259 7.54 29.39 -3.95
N TYR B 260 7.47 30.22 -2.91
CA TYR B 260 6.39 31.19 -2.77
C TYR B 260 6.33 32.18 -3.96
N SER B 261 5.11 32.44 -4.45
CA SER B 261 4.89 33.42 -5.52
C SER B 261 4.55 34.80 -4.93
N PRO B 262 5.42 35.81 -5.16
CA PRO B 262 5.09 37.15 -4.65
C PRO B 262 3.71 37.60 -5.13
N VAL B 263 3.46 37.51 -6.44
CA VAL B 263 2.20 37.98 -7.05
C VAL B 263 0.98 37.24 -6.49
N LEU B 264 0.88 35.93 -6.74
CA LEU B 264 -0.16 35.11 -6.08
C LEU B 264 0.32 34.85 -4.65
N LYS B 265 -0.58 34.59 -3.73
CA LYS B 265 -0.14 34.40 -2.35
C LYS B 265 0.35 32.95 -2.04
N TYR B 266 0.62 32.15 -3.09
CA TYR B 266 0.77 30.70 -2.93
C TYR B 266 1.88 30.10 -3.78
N THR B 267 2.40 28.94 -3.37
CA THR B 267 3.30 28.16 -4.21
C THR B 267 2.53 27.40 -5.31
N PRO B 268 3.22 26.99 -6.39
CA PRO B 268 2.63 26.11 -7.41
C PRO B 268 2.02 24.83 -6.81
N HIS B 269 2.74 24.17 -5.92
CA HIS B 269 2.19 23.04 -5.20
C HIS B 269 0.85 23.37 -4.63
N GLN B 270 0.75 24.46 -3.86
CA GLN B 270 -0.53 24.82 -3.24
C GLN B 270 -1.62 25.08 -4.28
N LEU B 271 -1.29 25.72 -5.38
CA LEU B 271 -2.30 26.02 -6.40
C LEU B 271 -2.71 24.78 -7.20
N LEU B 272 -1.79 23.83 -7.33
CA LEU B 272 -2.05 22.64 -8.09
C LEU B 272 -2.88 21.64 -7.27
N PHE B 273 -2.55 21.46 -5.99
CA PHE B 273 -3.18 20.46 -5.15
C PHE B 273 -4.14 20.97 -4.10
N GLY B 274 -4.06 22.27 -3.77
CA GLY B 274 -4.96 22.86 -2.79
C GLY B 274 -4.64 22.45 -1.35
N ILE B 275 -3.37 22.18 -1.08
CA ILE B 275 -2.90 21.85 0.27
C ILE B 275 -1.46 22.31 0.46
N ASP B 276 -1.00 22.40 1.70
CA ASP B 276 0.41 22.63 1.96
C ASP B 276 1.16 21.37 1.60
N SER B 277 2.46 21.52 1.50
CA SER B 277 3.32 20.48 1.05
C SER B 277 3.99 19.91 2.27
N ASN B 278 4.65 18.76 2.14
CA ASN B 278 5.44 18.21 3.22
C ASN B 278 6.90 18.61 3.07
N THR B 279 7.18 19.37 2.03
CA THR B 279 8.51 19.92 1.83
C THR B 279 8.37 21.44 1.63
N PRO B 280 8.11 22.18 2.71
CA PRO B 280 8.13 23.64 2.53
C PRO B 280 9.59 24.01 2.32
N PHE B 281 9.88 24.93 1.41
CA PHE B 281 11.30 25.30 1.25
C PHE B 281 11.51 26.65 1.91
N ALA B 282 11.66 26.62 3.24
CA ALA B 282 11.68 27.80 4.10
C ALA B 282 12.76 28.82 3.75
N ASN B 283 13.98 28.35 3.51
CA ASN B 283 15.08 29.19 3.04
C ASN B 283 14.96 29.59 1.56
N GLN B 284 14.03 30.50 1.25
CA GLN B 284 14.01 31.18 -0.05
C GLN B 284 15.44 31.69 -0.27
N ASP B 285 16.12 31.10 -1.26
CA ASP B 285 17.60 31.11 -1.30
C ASP B 285 18.26 32.24 -2.10
N THR B 286 19.59 32.24 -2.12
CA THR B 286 20.37 33.26 -2.84
C THR B 286 20.12 33.21 -4.35
N LEU B 287 20.31 32.01 -4.93
CA LEU B 287 20.24 31.81 -6.38
C LEU B 287 21.39 32.49 -7.10
N ASP B 288 22.10 33.35 -6.38
CA ASP B 288 23.30 34.05 -6.86
C ASP B 288 24.53 33.18 -6.65
N LEU B 289 25.48 33.28 -7.59
CA LEU B 289 26.74 32.55 -7.49
C LEU B 289 27.71 33.29 -6.55
N THR B 290 28.25 32.55 -5.58
CA THR B 290 29.26 33.08 -4.63
C THR B 290 30.58 33.36 -5.34
N ARG B 291 31.50 34.02 -4.63
CA ARG B 291 32.83 34.31 -5.14
C ARG B 291 33.52 33.04 -5.64
N GLU B 292 33.49 31.99 -4.81
CA GLU B 292 34.05 30.69 -5.15
C GLU B 292 33.44 30.08 -6.42
N GLU B 293 32.10 30.13 -6.53
CA GLU B 293 31.37 29.52 -7.63
C GLU B 293 31.59 30.22 -8.97
N GLU B 294 31.72 31.55 -8.94
CA GLU B 294 32.09 32.32 -10.13
C GLU B 294 33.51 31.96 -10.56
N LEU B 295 34.37 31.73 -9.58
CA LEU B 295 35.76 31.35 -9.83
C LEU B 295 35.84 30.03 -10.60
N SER B 296 35.18 29.00 -10.07
CA SER B 296 35.18 27.68 -10.72
C SER B 296 34.24 27.57 -11.92
N LEU B 297 33.29 28.49 -12.07
CA LEU B 297 32.43 28.55 -13.27
C LEU B 297 33.14 29.24 -14.43
N LEU B 298 34.01 30.21 -14.12
CA LEU B 298 34.89 30.83 -15.13
C LEU B 298 36.09 29.92 -15.45
N GLN B 299 36.40 28.99 -14.53
CA GLN B 299 37.46 27.99 -14.73
C GLN B 299 36.99 26.80 -15.55
N GLU B 300 35.75 26.36 -15.33
CA GLU B 300 35.15 25.25 -16.09
C GLU B 300 34.96 25.56 -17.59
N ILE B 301 34.83 26.83 -17.95
CA ILE B 301 34.83 27.24 -19.36
C ILE B 301 36.21 27.79 -19.76
N ARG B 302 37.25 26.99 -19.52
CA ARG B 302 38.62 27.33 -19.89
C ARG B 302 39.21 26.31 -20.86
#